data_6QR8
#
_entry.id   6QR8
#
_cell.length_a   74.850
_cell.length_b   76.329
_cell.length_c   86.381
_cell.angle_alpha   90.000
_cell.angle_beta   90.000
_cell.angle_gamma   90.000
#
_symmetry.space_group_name_H-M   'P 21 21 21'
#
loop_
_entity.id
_entity.type
_entity.pdbx_description
1 polymer 'tRNA (guanine-N(1)-)-methyltransferase'
2 non-polymer 5-azanyl-3-[1-[[4-[(4-methylpiperazin-1-yl)methyl]phenyl]methyl]indol-6-yl]-1~{H}-pyrazole-4-carbonitrile
3 water water
#
_entity_poly.entity_id   1
_entity_poly.type   'polypeptide(L)'
_entity_poly.pdbx_seq_one_letter_code
;GSMKIDVVTIFPEYLQPVRQSLPGKAIDAGLVDVAVHDLRRWTHDVHKSVDDSPYGGGPGMVMKPTVWGDALDEICTSET
LLVVPTPAGYPFTQETAWQWSTEDHLVIACGRYEGIDQRVADDAATRMRVREVSIGDYVLNGGEAAALVIIEAVLRLVPG
VLGNALSAQEDSHSEGMASLLEGPSYTRPPSWRGMDVPPVLLSGDHAKIAAWRAEQSRQRTIERRPDLLGFDSPTGEHGG
DGLS
;
_entity_poly.pdbx_strand_id   A,B
#
# COMPACT_ATOMS: atom_id res chain seq x y z
N SER A 2 9.25 -22.13 0.39
CA SER A 2 10.61 -21.59 0.35
C SER A 2 10.71 -20.41 -0.61
N MET A 3 10.60 -19.19 -0.09
CA MET A 3 10.73 -18.00 -0.93
C MET A 3 11.88 -17.11 -0.49
N LYS A 4 12.63 -16.62 -1.48
CA LYS A 4 13.63 -15.60 -1.24
C LYS A 4 13.12 -14.29 -1.84
N ILE A 5 13.21 -13.22 -1.06
CA ILE A 5 12.82 -11.90 -1.51
C ILE A 5 14.00 -10.99 -1.34
N ASP A 6 14.39 -10.34 -2.45
CA ASP A 6 15.42 -9.30 -2.42
C ASP A 6 14.77 -7.94 -2.71
N VAL A 7 15.00 -6.96 -1.86
CA VAL A 7 14.50 -5.61 -2.11
C VAL A 7 15.68 -4.68 -2.40
N VAL A 8 15.58 -3.89 -3.46
CA VAL A 8 16.66 -2.96 -3.79
C VAL A 8 16.17 -1.53 -3.72
N THR A 9 16.85 -0.71 -2.94
CA THR A 9 16.34 0.61 -2.58
C THR A 9 17.47 1.53 -2.18
N ILE A 10 17.28 2.83 -2.34
CA ILE A 10 18.25 3.79 -1.81
C ILE A 10 17.92 4.15 -0.36
N PHE A 11 16.79 3.65 0.14
CA PHE A 11 16.45 3.79 1.56
C PHE A 11 16.20 2.43 2.22
N PRO A 12 17.25 1.62 2.43
CA PRO A 12 17.06 0.30 3.06
C PRO A 12 16.42 0.40 4.45
N GLU A 13 16.66 1.49 5.18
CA GLU A 13 16.00 1.71 6.48
C GLU A 13 14.45 1.68 6.40
N TYR A 14 13.88 2.08 5.26
CA TYR A 14 12.43 2.11 5.15
C TYR A 14 11.83 0.70 5.22
N LEU A 15 12.64 -0.32 4.96
CA LEU A 15 12.12 -1.68 4.95
C LEU A 15 12.22 -2.36 6.32
N GLN A 16 12.65 -1.63 7.35
CA GLN A 16 12.71 -2.17 8.72
C GLN A 16 11.42 -2.87 9.20
N PRO A 17 10.22 -2.31 8.89
CA PRO A 17 9.01 -2.97 9.40
C PRO A 17 8.79 -4.39 8.88
N VAL A 18 9.37 -4.73 7.73
CA VAL A 18 9.16 -6.06 7.16
C VAL A 18 9.97 -7.09 7.96
N ARG A 19 11.14 -6.67 8.42
CA ARG A 19 11.96 -7.57 9.19
C ARG A 19 11.38 -7.68 10.61
N GLN A 20 10.70 -6.62 11.06
CA GLN A 20 9.98 -6.66 12.33
C GLN A 20 8.73 -7.57 12.34
N SER A 21 8.18 -7.85 11.17
CA SER A 21 6.94 -8.61 11.13
C SER A 21 7.19 -10.07 10.76
N LEU A 22 8.45 -10.45 10.55
CA LEU A 22 8.83 -11.82 10.23
C LEU A 22 9.08 -12.69 11.48
N PRO A 23 8.29 -13.76 11.64
CA PRO A 23 8.44 -14.70 12.78
C PRO A 23 9.72 -15.52 12.66
N GLY A 24 10.40 -15.75 13.79
CA GLY A 24 11.65 -16.50 13.80
C GLY A 24 11.49 -17.91 13.31
N LYS A 25 10.33 -18.51 13.57
CA LYS A 25 10.06 -19.89 13.19
C LYS A 25 9.96 -20.07 11.67
N ALA A 26 9.42 -19.09 10.97
CA ALA A 26 9.30 -19.20 9.51
C ALA A 26 10.68 -19.10 8.85
N ILE A 27 11.54 -18.27 9.42
CA ILE A 27 12.90 -18.10 8.94
C ILE A 27 13.77 -19.33 9.24
N ASP A 28 13.68 -19.83 10.47
CA ASP A 28 14.50 -20.96 10.90
C ASP A 28 14.03 -22.26 10.25
N ALA A 29 12.75 -22.31 9.90
CA ALA A 29 12.22 -23.42 9.10
C ALA A 29 12.55 -23.25 7.61
N GLY A 30 13.31 -22.21 7.29
CA GLY A 30 13.73 -21.94 5.93
C GLY A 30 12.60 -21.69 4.94
N LEU A 31 11.49 -21.17 5.43
CA LEU A 31 10.34 -20.94 4.56
C LEU A 31 10.49 -19.63 3.80
N VAL A 32 11.19 -18.68 4.41
CA VAL A 32 11.35 -17.36 3.82
C VAL A 32 12.68 -16.73 4.22
N ASP A 33 13.24 -15.95 3.30
CA ASP A 33 14.41 -15.15 3.54
C ASP A 33 14.20 -13.80 2.82
N VAL A 34 14.39 -12.70 3.56
CA VAL A 34 14.19 -11.36 3.02
C VAL A 34 15.44 -10.52 3.21
N ALA A 35 16.08 -10.14 2.10
CA ALA A 35 17.28 -9.32 2.15
C ALA A 35 17.00 -7.98 1.51
N VAL A 36 17.60 -6.94 2.08
CA VAL A 36 17.43 -5.60 1.56
C VAL A 36 18.80 -5.10 1.15
N HIS A 37 18.90 -4.58 -0.08
CA HIS A 37 20.17 -4.11 -0.60
C HIS A 37 20.14 -2.61 -0.87
N ASP A 38 21.16 -1.90 -0.39
CA ASP A 38 21.34 -0.49 -0.72
C ASP A 38 21.78 -0.33 -2.20
N LEU A 39 20.95 0.31 -3.02
CA LEU A 39 21.24 0.54 -4.44
C LEU A 39 22.61 1.20 -4.66
N ARG A 40 23.05 2.06 -3.75
CA ARG A 40 24.26 2.86 -3.96
C ARG A 40 25.52 1.99 -3.96
N ARG A 41 25.38 0.74 -3.53
CA ARG A 41 26.48 -0.19 -3.60
C ARG A 41 26.90 -0.46 -5.05
N TRP A 42 26.03 -0.16 -6.02
CA TRP A 42 26.38 -0.40 -7.42
C TRP A 42 26.63 0.88 -8.20
N THR A 43 26.78 2.01 -7.51
CA THR A 43 27.09 3.25 -8.23
C THR A 43 28.54 3.22 -8.76
N HIS A 44 28.84 4.03 -9.78
CA HIS A 44 30.14 3.98 -10.44
C HIS A 44 31.08 5.12 -10.08
N ASP A 45 30.52 6.17 -9.49
CA ASP A 45 31.29 7.39 -9.27
C ASP A 45 31.41 7.64 -7.78
N VAL A 46 32.33 8.53 -7.43
CA VAL A 46 32.61 8.81 -6.03
C VAL A 46 31.43 9.58 -5.40
N HIS A 47 30.65 10.27 -6.22
CA HIS A 47 29.45 10.95 -5.75
C HIS A 47 28.27 10.01 -5.53
N LYS A 48 28.42 8.73 -5.88
CA LYS A 48 27.37 7.73 -5.69
C LYS A 48 26.04 8.15 -6.32
N SER A 49 26.11 8.68 -7.53
CA SER A 49 24.97 9.17 -8.30
C SER A 49 24.00 8.07 -8.71
N VAL A 50 22.72 8.27 -8.40
CA VAL A 50 21.71 7.29 -8.78
C VAL A 50 20.66 7.90 -9.71
N ASP A 51 20.79 9.20 -9.98
CA ASP A 51 19.79 9.90 -10.78
C ASP A 51 20.40 10.93 -11.74
N ASP A 52 19.60 11.38 -12.70
CA ASP A 52 20.06 12.29 -13.74
C ASP A 52 18.82 12.92 -14.39
N SER A 53 19.03 13.99 -15.16
CA SER A 53 17.93 14.72 -15.80
C SER A 53 17.27 13.91 -16.91
N PRO A 54 15.95 14.08 -17.07
CA PRO A 54 15.19 13.26 -18.02
C PRO A 54 15.41 13.73 -19.44
N TYR A 55 15.53 12.81 -20.40
CA TYR A 55 15.57 13.21 -21.80
C TYR A 55 14.23 13.82 -22.16
N GLY A 56 14.25 14.89 -22.96
CA GLY A 56 13.02 15.52 -23.37
C GLY A 56 12.65 16.64 -22.42
N GLY A 57 13.40 16.76 -21.34
CA GLY A 57 13.12 17.81 -20.38
C GLY A 57 11.94 17.49 -19.48
N GLY A 58 11.59 18.44 -18.64
CA GLY A 58 10.52 18.23 -17.68
C GLY A 58 11.12 18.25 -16.29
N PRO A 59 10.25 18.28 -15.28
CA PRO A 59 10.71 18.38 -13.90
C PRO A 59 11.13 17.02 -13.34
N GLY A 60 11.91 17.06 -12.28
CA GLY A 60 12.29 15.85 -11.60
C GLY A 60 13.42 15.12 -12.29
N MET A 61 13.78 13.97 -11.72
CA MET A 61 14.94 13.22 -12.15
C MET A 61 14.54 11.77 -12.42
N VAL A 62 15.42 11.05 -13.10
CA VAL A 62 15.18 9.67 -13.50
C VAL A 62 16.35 8.83 -13.00
N MET A 63 16.06 7.66 -12.46
CA MET A 63 17.12 6.80 -11.95
C MET A 63 17.91 6.19 -13.10
N LYS A 64 19.23 6.27 -12.98
CA LYS A 64 20.18 5.85 -14.01
C LYS A 64 20.09 4.36 -14.35
N PRO A 65 20.00 4.04 -15.64
CA PRO A 65 19.96 2.63 -16.05
C PRO A 65 21.25 1.86 -15.71
N THR A 66 22.39 2.51 -15.82
CA THR A 66 23.66 1.81 -15.59
C THR A 66 23.76 1.26 -14.16
N VAL A 67 23.38 2.05 -13.16
CA VAL A 67 23.41 1.59 -11.78
C VAL A 67 22.44 0.42 -11.51
N TRP A 68 21.19 0.57 -11.95
CA TRP A 68 20.18 -0.50 -11.82
C TRP A 68 20.52 -1.76 -12.61
N GLY A 69 21.12 -1.60 -13.79
CA GLY A 69 21.54 -2.75 -14.58
C GLY A 69 22.54 -3.62 -13.84
N ASP A 70 23.51 -3.00 -13.18
CA ASP A 70 24.52 -3.75 -12.41
C ASP A 70 23.90 -4.45 -11.21
N ALA A 71 22.99 -3.77 -10.53
CA ALA A 71 22.38 -4.34 -9.32
C ALA A 71 21.56 -5.57 -9.67
N LEU A 72 20.75 -5.47 -10.71
CA LEU A 72 19.85 -6.54 -11.10
C LEU A 72 20.61 -7.72 -11.70
N ASP A 73 21.65 -7.40 -12.47
CA ASP A 73 22.55 -8.40 -13.03
C ASP A 73 23.11 -9.30 -11.94
N GLU A 74 23.57 -8.68 -10.85
CA GLU A 74 24.09 -9.43 -9.73
C GLU A 74 23.03 -10.23 -8.96
N ILE A 75 21.85 -9.65 -8.76
CA ILE A 75 20.85 -10.21 -7.86
C ILE A 75 19.88 -11.18 -8.55
N CYS A 76 19.54 -10.93 -9.80
CA CYS A 76 18.56 -11.77 -10.50
C CYS A 76 19.15 -12.97 -11.21
N THR A 77 18.33 -14.00 -11.36
CA THR A 77 18.59 -15.06 -12.32
C THR A 77 17.42 -15.12 -13.31
N SER A 78 17.49 -16.08 -14.23
CA SER A 78 16.43 -16.29 -15.20
C SER A 78 15.12 -16.72 -14.52
N GLU A 79 15.20 -17.23 -13.30
CA GLU A 79 14.01 -17.72 -12.61
C GLU A 79 13.38 -16.65 -11.71
N THR A 80 14.07 -15.53 -11.58
CA THR A 80 13.56 -14.41 -10.79
C THR A 80 12.26 -13.81 -11.32
N LEU A 81 11.33 -13.50 -10.41
CA LEU A 81 10.23 -12.60 -10.73
C LEU A 81 10.60 -11.19 -10.28
N LEU A 82 10.84 -10.31 -11.25
CA LEU A 82 11.21 -8.94 -10.99
C LEU A 82 9.94 -8.10 -10.87
N VAL A 83 9.70 -7.59 -9.68
CA VAL A 83 8.55 -6.73 -9.41
C VAL A 83 9.01 -5.29 -9.36
N VAL A 84 8.42 -4.44 -10.19
CA VAL A 84 8.75 -3.02 -10.20
C VAL A 84 7.51 -2.18 -9.85
N PRO A 85 7.43 -1.70 -8.60
CA PRO A 85 6.35 -0.79 -8.24
C PRO A 85 6.42 0.46 -9.08
N THR A 86 5.27 0.98 -9.51
CA THR A 86 5.24 2.21 -10.29
C THR A 86 3.81 2.73 -10.33
N PRO A 87 3.65 4.05 -10.29
CA PRO A 87 2.31 4.63 -10.34
C PRO A 87 1.65 4.33 -11.69
N ALA A 88 2.41 3.84 -12.64
CA ALA A 88 1.84 3.55 -13.95
C ALA A 88 1.73 2.07 -14.21
N GLY A 89 1.72 1.27 -13.15
CA GLY A 89 1.71 -0.18 -13.29
C GLY A 89 0.32 -0.78 -13.48
N TYR A 90 0.32 -2.08 -13.79
CA TYR A 90 -0.88 -2.91 -13.74
C TYR A 90 -1.33 -2.95 -12.27
N PRO A 91 -2.63 -3.15 -12.03
CA PRO A 91 -3.03 -3.18 -10.62
C PRO A 91 -2.51 -4.41 -9.91
N PHE A 92 -1.90 -4.19 -8.76
CA PHE A 92 -1.62 -5.29 -7.85
C PHE A 92 -2.91 -5.65 -7.10
N THR A 93 -3.42 -6.87 -7.27
CA THR A 93 -4.61 -7.28 -6.53
C THR A 93 -4.37 -8.60 -5.79
N GLN A 94 -5.43 -9.11 -5.17
CA GLN A 94 -5.35 -10.34 -4.40
C GLN A 94 -5.01 -11.53 -5.28
N GLU A 95 -5.48 -11.52 -6.52
CA GLU A 95 -5.13 -12.58 -7.45
C GLU A 95 -3.63 -12.53 -7.76
N THR A 96 -3.09 -11.34 -7.89
CA THR A 96 -1.66 -11.18 -8.14
C THR A 96 -0.89 -11.78 -6.97
N ALA A 97 -1.35 -11.49 -5.76
CA ALA A 97 -0.71 -11.95 -4.54
C ALA A 97 -0.72 -13.48 -4.45
N TRP A 98 -1.87 -14.09 -4.72
CA TRP A 98 -1.96 -15.55 -4.79
C TRP A 98 -0.92 -16.12 -5.77
N GLN A 99 -0.90 -15.59 -6.98
CA GLN A 99 0.02 -16.09 -8.00
C GLN A 99 1.49 -15.98 -7.57
N TRP A 100 1.86 -14.88 -6.94
CA TRP A 100 3.27 -14.68 -6.60
C TRP A 100 3.69 -15.47 -5.36
N SER A 101 2.70 -15.87 -4.57
CA SER A 101 2.98 -16.54 -3.31
C SER A 101 3.64 -17.89 -3.52
N THR A 102 3.63 -18.39 -4.74
CA THR A 102 4.25 -19.67 -5.07
C THR A 102 5.63 -19.54 -5.76
N GLU A 103 6.09 -18.30 -5.98
CA GLU A 103 7.41 -18.07 -6.60
C GLU A 103 8.55 -18.42 -5.65
N ASP A 104 9.69 -18.82 -6.21
CA ASP A 104 10.86 -19.14 -5.40
C ASP A 104 11.69 -17.89 -5.11
N HIS A 105 11.72 -16.97 -6.08
CA HIS A 105 12.55 -15.78 -5.96
C HIS A 105 11.85 -14.54 -6.49
N LEU A 106 11.60 -13.57 -5.61
CA LEU A 106 11.07 -12.28 -5.99
C LEU A 106 12.11 -11.21 -5.74
N VAL A 107 12.30 -10.33 -6.71
CA VAL A 107 13.16 -9.17 -6.53
C VAL A 107 12.30 -7.94 -6.71
N ILE A 108 12.34 -7.03 -5.75
CA ILE A 108 11.56 -5.82 -5.81
C ILE A 108 12.44 -4.60 -5.98
N ALA A 109 12.32 -3.94 -7.12
CA ALA A 109 13.14 -2.78 -7.46
C ALA A 109 12.42 -1.49 -7.10
N CYS A 110 12.81 -0.89 -5.97
CA CYS A 110 12.15 0.33 -5.48
C CYS A 110 12.75 1.61 -6.04
N GLY A 111 11.97 2.33 -6.83
CA GLY A 111 12.44 3.60 -7.37
C GLY A 111 12.15 4.78 -6.48
N ARG A 112 12.73 5.91 -6.87
CA ARG A 112 12.48 7.21 -6.26
C ARG A 112 12.43 8.23 -7.39
N TYR A 113 12.33 9.51 -7.04
CA TYR A 113 12.25 10.58 -8.03
C TYR A 113 11.10 10.28 -8.99
N GLU A 114 11.32 10.40 -10.29
CA GLU A 114 10.25 10.15 -11.26
C GLU A 114 10.19 8.70 -11.69
N GLY A 115 11.04 7.87 -11.09
CA GLY A 115 11.09 6.47 -11.45
C GLY A 115 12.39 6.08 -12.16
N ILE A 116 12.38 4.91 -12.77
CA ILE A 116 13.58 4.28 -13.32
C ILE A 116 13.59 4.36 -14.83
N ASP A 117 14.75 4.69 -15.42
CA ASP A 117 14.89 4.62 -16.89
C ASP A 117 14.21 3.34 -17.41
N GLN A 118 13.32 3.48 -18.39
CA GLN A 118 12.46 2.38 -18.84
C GLN A 118 13.24 1.20 -19.43
N ARG A 119 14.46 1.46 -19.88
CA ARG A 119 15.26 0.40 -20.49
C ARG A 119 15.64 -0.68 -19.49
N VAL A 120 15.70 -0.33 -18.21
CA VAL A 120 16.05 -1.30 -17.17
C VAL A 120 15.07 -2.46 -17.15
N ALA A 121 13.79 -2.14 -17.07
CA ALA A 121 12.74 -3.16 -17.11
C ALA A 121 12.68 -3.84 -18.49
N ASP A 122 12.81 -3.05 -19.55
CA ASP A 122 12.76 -3.60 -20.91
C ASP A 122 13.91 -4.59 -21.11
N ASP A 123 15.11 -4.22 -20.65
CA ASP A 123 16.24 -5.14 -20.75
C ASP A 123 16.03 -6.41 -19.92
N ALA A 124 15.63 -6.25 -18.67
CA ALA A 124 15.40 -7.38 -17.77
C ALA A 124 14.40 -8.36 -18.35
N ALA A 125 13.40 -7.82 -19.07
CA ALA A 125 12.30 -8.64 -19.57
C ALA A 125 12.74 -9.52 -20.75
N THR A 126 13.93 -9.30 -21.27
CA THR A 126 14.39 -10.20 -22.34
C THR A 126 14.96 -11.51 -21.78
N ARG A 127 15.12 -11.61 -20.46
CA ARG A 127 15.61 -12.85 -19.88
C ARG A 127 14.96 -13.29 -18.57
N MET A 128 14.00 -12.52 -18.06
CA MET A 128 13.25 -12.95 -16.89
C MET A 128 11.85 -12.36 -16.92
N ARG A 129 10.97 -12.87 -16.08
CA ARG A 129 9.63 -12.33 -15.96
C ARG A 129 9.68 -11.02 -15.17
N VAL A 130 9.03 -10.00 -15.70
CA VAL A 130 9.00 -8.68 -15.11
C VAL A 130 7.56 -8.22 -14.95
N ARG A 131 7.23 -7.64 -13.80
CA ARG A 131 5.88 -7.11 -13.58
C ARG A 131 5.92 -5.70 -12.99
N GLU A 132 5.47 -4.73 -13.77
CA GLU A 132 5.27 -3.36 -13.31
C GLU A 132 3.85 -3.28 -12.72
N VAL A 133 3.75 -2.98 -11.42
CA VAL A 133 2.46 -2.96 -10.76
C VAL A 133 2.30 -1.73 -9.90
N SER A 134 1.04 -1.36 -9.66
CA SER A 134 0.69 -0.27 -8.75
CA SER A 134 0.71 -0.27 -8.74
C SER A 134 -0.17 -0.80 -7.61
N ILE A 135 0.08 -0.36 -6.38
CA ILE A 135 -0.74 -0.85 -5.27
C ILE A 135 -2.07 -0.09 -5.05
N GLY A 136 -2.33 0.95 -5.83
CA GLY A 136 -3.56 1.72 -5.68
C GLY A 136 -3.50 3.07 -6.36
N ASP A 137 -4.63 3.77 -6.39
CA ASP A 137 -4.76 4.96 -7.22
C ASP A 137 -4.47 6.22 -6.44
N TYR A 138 -3.24 6.33 -5.96
CA TYR A 138 -2.78 7.48 -5.21
C TYR A 138 -1.30 7.56 -5.53
N VAL A 139 -0.65 8.65 -5.17
CA VAL A 139 0.74 8.87 -5.57
C VAL A 139 1.60 8.82 -4.34
N LEU A 140 2.67 8.03 -4.37
CA LEU A 140 3.61 7.94 -3.25
C LEU A 140 4.92 8.65 -3.63
N ASN A 141 5.89 8.71 -2.71
CA ASN A 141 7.22 9.27 -2.99
C ASN A 141 8.18 8.32 -3.72
N GLY A 142 7.90 7.03 -3.64
CA GLY A 142 8.84 6.02 -4.13
C GLY A 142 8.28 4.65 -3.94
N GLY A 143 9.00 3.61 -4.35
CA GLY A 143 8.48 2.26 -4.35
C GLY A 143 8.48 1.54 -3.00
N GLU A 144 9.13 2.13 -2.00
CA GLU A 144 9.34 1.43 -0.73
C GLU A 144 8.03 1.07 0.02
N ALA A 145 7.10 2.01 0.17
CA ALA A 145 5.85 1.69 0.85
C ALA A 145 5.06 0.63 0.07
N ALA A 146 5.16 0.67 -1.26
CA ALA A 146 4.48 -0.34 -2.08
C ALA A 146 5.11 -1.70 -1.86
N ALA A 147 6.42 -1.71 -1.64
CA ALA A 147 7.12 -2.96 -1.39
C ALA A 147 6.62 -3.61 -0.11
N LEU A 148 6.43 -2.81 0.94
CA LEU A 148 5.94 -3.31 2.22
C LEU A 148 4.57 -3.96 2.07
N VAL A 149 3.70 -3.28 1.34
CA VAL A 149 2.35 -3.76 1.07
C VAL A 149 2.38 -5.07 0.28
N ILE A 150 3.15 -5.10 -0.80
CA ILE A 150 3.28 -6.28 -1.65
C ILE A 150 3.86 -7.47 -0.88
N ILE A 151 4.90 -7.22 -0.09
CA ILE A 151 5.52 -8.29 0.70
C ILE A 151 4.53 -8.86 1.73
N GLU A 152 3.83 -7.97 2.42
CA GLU A 152 2.81 -8.39 3.37
C GLU A 152 1.67 -9.19 2.72
N ALA A 153 1.09 -8.66 1.64
CA ALA A 153 -0.01 -9.36 0.97
C ALA A 153 0.43 -10.73 0.40
N VAL A 154 1.65 -10.85 -0.09
CA VAL A 154 2.15 -12.13 -0.65
C VAL A 154 2.52 -13.13 0.46
N LEU A 155 3.33 -12.71 1.42
CA LEU A 155 3.84 -13.60 2.46
C LEU A 155 2.74 -14.18 3.37
N ARG A 156 1.66 -13.45 3.59
CA ARG A 156 0.61 -13.97 4.46
C ARG A 156 -0.17 -15.08 3.75
N LEU A 157 0.07 -15.26 2.46
CA LEU A 157 -0.52 -16.36 1.70
C LEU A 157 0.45 -17.54 1.58
N VAL A 158 1.64 -17.40 2.16
CA VAL A 158 2.59 -18.51 2.17
C VAL A 158 2.39 -19.23 3.50
N PRO A 159 2.07 -20.52 3.42
CA PRO A 159 1.72 -21.30 4.61
C PRO A 159 2.78 -21.21 5.72
N GLY A 160 2.42 -20.52 6.80
CA GLY A 160 3.23 -20.51 8.01
C GLY A 160 4.24 -19.39 8.12
N VAL A 161 4.02 -18.31 7.37
CA VAL A 161 4.97 -17.22 7.40
C VAL A 161 4.44 -16.01 8.16
N LEU A 162 3.20 -15.60 7.87
CA LEU A 162 2.56 -14.43 8.50
C LEU A 162 3.30 -13.13 8.18
N SER A 179 -15.55 -10.42 -4.17
CA SER A 179 -16.94 -10.34 -4.65
C SER A 179 -17.76 -9.31 -3.87
N LEU A 180 -17.84 -9.47 -2.55
CA LEU A 180 -18.54 -8.54 -1.69
C LEU A 180 -17.64 -8.10 -0.52
N LEU A 181 -17.91 -6.91 0.02
CA LEU A 181 -17.23 -6.42 1.21
C LEU A 181 -17.77 -7.12 2.45
N GLU A 182 -16.91 -7.38 3.42
CA GLU A 182 -17.36 -7.95 4.69
C GLU A 182 -18.15 -6.93 5.50
N GLY A 183 -19.23 -7.38 6.11
CA GLY A 183 -20.02 -6.52 6.96
C GLY A 183 -19.37 -6.33 8.31
N PRO A 184 -20.07 -5.63 9.22
CA PRO A 184 -19.52 -5.32 10.55
C PRO A 184 -19.31 -6.55 11.44
N SER A 185 -18.29 -6.51 12.30
CA SER A 185 -18.08 -7.54 13.31
CA SER A 185 -18.14 -7.55 13.30
C SER A 185 -18.25 -6.95 14.70
N TYR A 186 -18.59 -7.82 15.65
CA TYR A 186 -18.84 -7.44 17.04
C TYR A 186 -18.24 -8.47 17.99
N THR A 187 -17.77 -8.02 19.14
CA THR A 187 -17.35 -8.92 20.18
C THR A 187 -17.80 -8.35 21.53
N ARG A 188 -17.35 -8.97 22.62
CA ARG A 188 -17.77 -8.54 23.96
C ARG A 188 -17.28 -7.13 24.26
N PRO A 189 -18.03 -6.36 25.08
CA PRO A 189 -19.27 -6.72 25.79
C PRO A 189 -20.52 -6.58 24.93
N PRO A 190 -21.62 -7.24 25.33
CA PRO A 190 -22.86 -7.20 24.56
C PRO A 190 -23.46 -5.80 24.45
N SER A 191 -23.10 -4.93 25.39
CA SER A 191 -23.56 -3.53 25.32
C SER A 191 -22.42 -2.58 25.70
N TRP A 192 -22.28 -1.49 24.95
CA TRP A 192 -21.12 -0.62 25.13
C TRP A 192 -21.48 0.77 24.69
N ARG A 193 -21.30 1.74 25.58
CA ARG A 193 -21.70 3.13 25.34
C ARG A 193 -23.06 3.23 24.69
N GLY A 194 -24.01 2.48 25.20
CA GLY A 194 -25.37 2.54 24.72
C GLY A 194 -25.61 1.85 23.39
N MET A 195 -24.61 1.13 22.89
CA MET A 195 -24.81 0.36 21.66
C MET A 195 -24.81 -1.14 21.94
N ASP A 196 -25.89 -1.81 21.56
CA ASP A 196 -26.02 -3.26 21.70
C ASP A 196 -25.53 -3.96 20.45
N VAL A 197 -24.87 -5.09 20.64
CA VAL A 197 -24.63 -6.02 19.54
C VAL A 197 -25.98 -6.39 18.94
N PRO A 198 -26.11 -6.38 17.59
CA PRO A 198 -27.37 -6.76 16.93
C PRO A 198 -27.89 -8.10 17.44
N PRO A 199 -29.13 -8.14 17.95
CA PRO A 199 -29.65 -9.33 18.64
C PRO A 199 -29.60 -10.60 17.80
N VAL A 200 -29.71 -10.49 16.48
CA VAL A 200 -29.70 -11.70 15.65
C VAL A 200 -28.40 -12.51 15.88
N LEU A 201 -27.30 -11.85 16.23
CA LEU A 201 -26.03 -12.57 16.39
C LEU A 201 -25.99 -13.46 17.64
N LEU A 202 -26.94 -13.23 18.57
CA LEU A 202 -27.01 -14.04 19.77
C LEU A 202 -28.24 -14.94 19.76
N SER A 203 -28.79 -15.17 18.57
CA SER A 203 -30.07 -15.87 18.45
C SER A 203 -29.91 -17.37 18.37
N GLY A 204 -28.73 -17.84 18.01
CA GLY A 204 -28.53 -19.27 17.83
C GLY A 204 -29.19 -19.81 16.58
N ASP A 205 -29.70 -18.93 15.72
CA ASP A 205 -30.26 -19.34 14.43
C ASP A 205 -29.20 -19.03 13.38
N HIS A 206 -28.38 -20.02 13.05
CA HIS A 206 -27.20 -19.75 12.27
C HIS A 206 -27.50 -19.52 10.77
N ALA A 207 -28.56 -20.13 10.24
CA ALA A 207 -28.99 -19.78 8.87
C ALA A 207 -29.40 -18.30 8.80
N LYS A 208 -30.22 -17.86 9.75
CA LYS A 208 -30.60 -16.45 9.81
C LYS A 208 -29.42 -15.50 10.05
N ILE A 209 -28.46 -15.90 10.87
CA ILE A 209 -27.25 -15.09 11.06
C ILE A 209 -26.48 -14.90 9.75
N ALA A 210 -26.37 -15.95 8.93
CA ALA A 210 -25.64 -15.86 7.67
C ALA A 210 -26.37 -14.98 6.66
N ALA A 211 -27.71 -15.05 6.69
CA ALA A 211 -28.54 -14.18 5.86
C ALA A 211 -28.36 -12.71 6.24
N TRP A 212 -28.39 -12.41 7.54
CA TRP A 212 -28.16 -11.04 8.00
C TRP A 212 -26.78 -10.52 7.56
N ARG A 213 -25.74 -11.33 7.77
CA ARG A 213 -24.39 -10.97 7.37
C ARG A 213 -24.28 -10.77 5.86
N ALA A 214 -24.93 -11.62 5.08
CA ALA A 214 -24.90 -11.48 3.64
C ALA A 214 -25.56 -10.15 3.20
N GLU A 215 -26.65 -9.79 3.88
CA GLU A 215 -27.35 -8.55 3.56
C GLU A 215 -26.57 -7.31 4.01
N GLN A 216 -25.86 -7.40 5.14
CA GLN A 216 -24.98 -6.30 5.56
C GLN A 216 -23.87 -6.15 4.54
N SER A 217 -23.40 -7.28 4.06
CA SER A 217 -22.34 -7.33 3.06
C SER A 217 -22.80 -6.66 1.73
N ARG A 218 -23.99 -7.03 1.25
CA ARG A 218 -24.55 -6.39 0.05
C ARG A 218 -24.73 -4.87 0.20
N GLN A 219 -25.42 -4.43 1.25
CA GLN A 219 -25.60 -3.00 1.52
C GLN A 219 -24.27 -2.24 1.60
N ARG A 220 -23.30 -2.81 2.30
CA ARG A 220 -22.00 -2.16 2.42
C ARG A 220 -21.31 -2.06 1.04
N THR A 221 -21.43 -3.11 0.24
CA THR A 221 -20.78 -3.13 -1.07
C THR A 221 -21.43 -2.08 -2.00
N ILE A 222 -22.75 -2.01 -2.00
CA ILE A 222 -23.52 -1.00 -2.75
C ILE A 222 -23.12 0.41 -2.36
N GLU A 223 -22.98 0.63 -1.07
CA GLU A 223 -22.63 1.94 -0.51
C GLU A 223 -21.19 2.36 -0.76
N ARG A 224 -20.26 1.42 -0.62
CA ARG A 224 -18.84 1.77 -0.60
C ARG A 224 -18.11 1.38 -1.88
N ARG A 225 -18.49 0.26 -2.49
CA ARG A 225 -17.81 -0.21 -3.69
C ARG A 225 -18.78 -0.67 -4.76
N PRO A 226 -19.59 0.26 -5.31
CA PRO A 226 -20.59 -0.18 -6.29
C PRO A 226 -19.96 -0.73 -7.58
N ASP A 227 -18.76 -0.27 -7.89
CA ASP A 227 -18.00 -0.76 -9.04
C ASP A 227 -17.84 -2.30 -9.08
N LEU A 228 -17.86 -2.95 -7.92
CA LEU A 228 -17.70 -4.40 -7.88
C LEU A 228 -18.95 -5.14 -8.33
N LEU A 229 -20.01 -4.38 -8.63
CA LEU A 229 -21.29 -4.99 -8.92
C LEU A 229 -21.74 -4.71 -10.35
N SER B 2 -0.14 23.04 8.52
CA SER B 2 0.19 22.43 9.81
C SER B 2 -0.68 21.20 10.08
N MET B 3 -0.06 20.03 10.27
CA MET B 3 -0.84 18.83 10.52
C MET B 3 -0.27 17.92 11.62
N LYS B 4 -1.16 17.47 12.49
CA LYS B 4 -0.82 16.46 13.49
C LYS B 4 -1.40 15.11 13.10
N ILE B 5 -0.57 14.08 13.08
CA ILE B 5 -1.05 12.74 12.83
C ILE B 5 -0.72 11.82 13.99
N ASP B 6 -1.75 11.21 14.55
CA ASP B 6 -1.58 10.21 15.59
C ASP B 6 -1.98 8.86 15.03
N VAL B 7 -1.09 7.86 15.15
CA VAL B 7 -1.42 6.48 14.76
C VAL B 7 -1.54 5.60 16.00
N VAL B 8 -2.57 4.75 16.04
CA VAL B 8 -2.81 3.91 17.21
C VAL B 8 -2.79 2.44 16.81
N THR B 9 -1.92 1.66 17.46
CA THR B 9 -1.65 0.29 17.04
C THR B 9 -1.12 -0.57 18.19
N ILE B 10 -1.32 -1.88 18.10
CA ILE B 10 -0.72 -2.81 19.06
C ILE B 10 0.66 -3.26 18.61
N PHE B 11 1.06 -2.84 17.43
CA PHE B 11 2.41 -3.11 16.94
C PHE B 11 3.12 -1.82 16.53
N PRO B 12 3.46 -0.97 17.51
CA PRO B 12 4.11 0.31 17.20
C PRO B 12 5.51 0.11 16.64
N GLU B 13 6.08 -1.07 16.87
CA GLU B 13 7.38 -1.43 16.33
C GLU B 13 7.39 -1.42 14.79
N TYR B 14 6.22 -1.62 14.16
CA TYR B 14 6.18 -1.64 12.70
CA TYR B 14 6.12 -1.64 12.70
C TYR B 14 6.22 -0.22 12.14
N LEU B 15 5.84 0.77 12.95
CA LEU B 15 5.80 2.15 12.47
C LEU B 15 7.10 2.96 12.57
N GLN B 16 8.22 2.33 12.93
CA GLN B 16 9.50 3.05 13.10
C GLN B 16 9.95 3.99 11.95
N PRO B 17 9.78 3.61 10.65
CA PRO B 17 10.16 4.48 9.52
C PRO B 17 9.85 5.98 9.65
N VAL B 18 8.66 6.34 10.12
CA VAL B 18 8.28 7.74 10.29
C VAL B 18 9.19 8.44 11.32
N GLY B 30 8.89 19.86 10.42
CA GLY B 30 8.65 21.03 11.24
C GLY B 30 7.21 21.53 11.28
N LEU B 31 6.53 21.51 10.13
CA LEU B 31 5.16 22.01 10.04
C LEU B 31 4.15 20.87 10.15
N VAL B 32 4.66 19.70 10.49
CA VAL B 32 3.81 18.51 10.65
C VAL B 32 4.51 17.49 11.55
N ASP B 33 3.79 17.00 12.56
CA ASP B 33 4.31 16.00 13.48
C ASP B 33 3.51 14.69 13.37
N VAL B 34 4.17 13.57 13.65
CA VAL B 34 3.52 12.26 13.61
C VAL B 34 3.88 11.47 14.86
N ALA B 35 2.88 11.11 15.65
CA ALA B 35 3.10 10.33 16.86
C ALA B 35 2.52 8.92 16.73
N VAL B 36 3.16 7.94 17.33
CA VAL B 36 2.67 6.57 17.32
C VAL B 36 2.37 6.13 18.74
N HIS B 37 1.20 5.52 18.95
CA HIS B 37 0.76 5.14 20.29
C HIS B 37 0.47 3.64 20.39
N ASP B 38 1.02 3.02 21.42
CA ASP B 38 0.75 1.61 21.73
C ASP B 38 -0.60 1.51 22.42
N LEU B 39 -1.55 0.87 21.74
CA LEU B 39 -2.91 0.72 22.26
C LEU B 39 -2.94 0.05 23.64
N ARG B 40 -1.96 -0.80 23.92
CA ARG B 40 -1.93 -1.60 25.15
C ARG B 40 -1.75 -0.76 26.42
N ARG B 41 -1.28 0.46 26.28
CA ARG B 41 -1.18 1.39 27.41
C ARG B 41 -2.54 1.87 27.94
N TRP B 42 -3.62 1.27 27.44
CA TRP B 42 -4.97 1.65 27.86
C TRP B 42 -5.77 0.46 28.40
N THR B 43 -5.09 -0.67 28.55
CA THR B 43 -5.67 -1.85 29.16
C THR B 43 -5.42 -1.83 30.66
N HIS B 44 -6.46 -2.09 31.46
CA HIS B 44 -6.33 -2.12 32.92
C HIS B 44 -5.76 -3.45 33.40
N SER B 49 -6.76 -9.25 27.53
CA SER B 49 -6.68 -9.38 26.08
C SER B 49 -7.48 -8.27 25.37
N VAL B 50 -6.95 -7.78 24.26
CA VAL B 50 -7.61 -6.76 23.46
C VAL B 50 -8.65 -7.37 22.53
N ASP B 51 -8.65 -8.70 22.40
CA ASP B 51 -9.47 -9.39 21.40
C ASP B 51 -10.31 -10.50 22.00
N ASP B 52 -11.38 -10.88 21.29
CA ASP B 52 -12.21 -12.01 21.69
C ASP B 52 -12.91 -12.56 20.46
N SER B 53 -13.63 -13.65 20.62
CA SER B 53 -14.32 -14.28 19.51
C SER B 53 -15.48 -13.44 19.02
N PRO B 54 -15.83 -13.55 17.73
CA PRO B 54 -16.92 -12.74 17.19
C PRO B 54 -18.30 -13.26 17.59
N TYR B 55 -19.19 -12.37 18.01
CA TYR B 55 -20.60 -12.72 18.15
C TYR B 55 -21.16 -13.20 16.80
N GLY B 56 -21.91 -14.29 16.84
CA GLY B 56 -22.49 -14.84 15.63
C GLY B 56 -21.60 -15.94 15.07
N GLY B 57 -20.39 -16.04 15.60
CA GLY B 57 -19.47 -17.08 15.20
C GLY B 57 -18.61 -16.65 14.02
N GLY B 58 -17.70 -17.53 13.60
CA GLY B 58 -16.77 -17.21 12.53
C GLY B 58 -15.34 -17.41 12.97
N PRO B 59 -14.42 -17.52 12.00
CA PRO B 59 -13.02 -17.70 12.37
C PRO B 59 -12.41 -16.43 12.93
N GLY B 60 -11.34 -16.56 13.70
CA GLY B 60 -10.57 -15.40 14.10
C GLY B 60 -11.13 -14.60 15.25
N MET B 61 -10.52 -13.44 15.46
CA MET B 61 -10.75 -12.63 16.64
C MET B 61 -11.04 -11.21 16.21
N VAL B 62 -11.77 -10.50 17.06
CA VAL B 62 -12.23 -9.16 16.82
C VAL B 62 -11.70 -8.30 17.96
N MET B 63 -11.17 -7.12 17.67
CA MET B 63 -10.71 -6.24 18.75
C MET B 63 -11.90 -5.66 19.52
N LYS B 64 -11.82 -5.80 20.85
CA LYS B 64 -12.86 -5.31 21.75
C LYS B 64 -12.96 -3.79 21.68
N PRO B 65 -14.17 -3.25 21.85
CA PRO B 65 -14.36 -1.79 21.76
C PRO B 65 -13.82 -1.00 22.96
N THR B 66 -13.87 -1.59 24.14
CA THR B 66 -13.48 -0.93 25.39
C THR B 66 -12.10 -0.27 25.34
N VAL B 67 -11.08 -1.03 24.96
CA VAL B 67 -9.71 -0.50 24.83
C VAL B 67 -9.62 0.66 23.85
N TRP B 68 -10.26 0.47 22.69
CA TRP B 68 -10.25 1.48 21.67
C TRP B 68 -10.93 2.77 22.14
N GLY B 69 -12.10 2.62 22.74
CA GLY B 69 -12.82 3.75 23.30
C GLY B 69 -11.98 4.64 24.20
N ASP B 70 -11.29 4.02 25.16
CA ASP B 70 -10.48 4.78 26.11
C ASP B 70 -9.36 5.52 25.39
N ALA B 71 -8.62 4.78 24.55
CA ALA B 71 -7.54 5.38 23.76
C ALA B 71 -8.00 6.58 22.93
N LEU B 72 -9.10 6.42 22.20
CA LEU B 72 -9.57 7.48 21.29
C LEU B 72 -10.16 8.66 22.05
N ASP B 73 -10.77 8.39 23.20
CA ASP B 73 -11.25 9.43 24.12
C ASP B 73 -10.17 10.46 24.42
N GLU B 74 -8.99 9.94 24.77
CA GLU B 74 -7.85 10.75 25.16
C GLU B 74 -7.19 11.46 23.98
N ILE B 75 -7.17 10.83 22.82
CA ILE B 75 -6.38 11.35 21.72
C ILE B 75 -7.19 12.30 20.84
N CYS B 76 -8.48 12.01 20.66
CA CYS B 76 -9.30 12.75 19.71
C CYS B 76 -10.01 13.97 20.28
N THR B 77 -10.34 14.90 19.38
CA THR B 77 -11.21 16.03 19.69
C THR B 77 -12.32 15.99 18.66
N SER B 78 -13.28 16.91 18.77
CA SER B 78 -14.38 16.91 17.81
C SER B 78 -13.88 17.34 16.42
N GLU B 79 -12.71 17.98 16.39
CA GLU B 79 -12.12 18.48 15.16
C GLU B 79 -11.37 17.38 14.40
N THR B 80 -10.99 16.34 15.14
CA THR B 80 -10.21 15.20 14.62
C THR B 80 -10.88 14.49 13.45
N LEU B 81 -10.08 14.16 12.43
CA LEU B 81 -10.53 13.21 11.43
C LEU B 81 -10.05 11.82 11.82
N LEU B 82 -11.00 10.94 12.13
CA LEU B 82 -10.64 9.57 12.47
C LEU B 82 -10.63 8.69 11.23
N VAL B 83 -9.44 8.18 10.89
CA VAL B 83 -9.21 7.31 9.74
C VAL B 83 -9.09 5.86 10.20
N VAL B 84 -9.93 4.98 9.66
CA VAL B 84 -9.88 3.57 10.04
C VAL B 84 -9.63 2.69 8.80
N PRO B 85 -8.40 2.21 8.63
CA PRO B 85 -8.12 1.29 7.52
C PRO B 85 -8.87 -0.03 7.74
N THR B 86 -9.40 -0.57 6.66
CA THR B 86 -10.18 -1.80 6.65
C THR B 86 -10.33 -2.29 5.21
N PRO B 87 -10.25 -3.61 4.98
CA PRO B 87 -10.44 -4.16 3.63
C PRO B 87 -11.84 -3.89 3.09
N ALA B 88 -12.74 -3.48 3.97
CA ALA B 88 -14.12 -3.17 3.59
C ALA B 88 -14.37 -1.66 3.54
N GLY B 89 -13.32 -0.87 3.39
CA GLY B 89 -13.50 0.57 3.41
C GLY B 89 -13.92 1.19 2.08
N TYR B 90 -14.28 2.47 2.12
CA TYR B 90 -14.34 3.28 0.91
C TYR B 90 -12.93 3.30 0.29
N PRO B 91 -12.83 3.41 -1.05
CA PRO B 91 -11.52 3.50 -1.70
C PRO B 91 -10.71 4.71 -1.27
N PHE B 92 -9.49 4.49 -0.81
CA PHE B 92 -8.61 5.62 -0.58
C PHE B 92 -7.94 5.92 -1.91
N THR B 93 -8.14 7.12 -2.44
CA THR B 93 -7.58 7.49 -3.73
C THR B 93 -6.86 8.84 -3.65
N GLN B 94 -6.32 9.31 -4.78
CA GLN B 94 -5.60 10.58 -4.78
C GLN B 94 -6.51 11.75 -4.38
N GLU B 95 -7.78 11.65 -4.72
CA GLU B 95 -8.76 12.66 -4.36
C GLU B 95 -8.95 12.73 -2.83
N THR B 96 -8.94 11.56 -2.17
CA THR B 96 -9.00 11.49 -0.70
C THR B 96 -7.78 12.16 -0.06
N ALA B 97 -6.62 11.91 -0.65
CA ALA B 97 -5.39 12.44 -0.14
C ALA B 97 -5.41 13.97 -0.23
N TRP B 98 -5.89 14.48 -1.37
CA TRP B 98 -6.07 15.91 -1.53
C TRP B 98 -7.01 16.46 -0.47
N GLN B 99 -8.13 15.76 -0.26
CA GLN B 99 -9.11 16.18 0.74
C GLN B 99 -8.52 16.23 2.13
N TRP B 100 -7.68 15.26 2.46
CA TRP B 100 -7.14 15.15 3.82
C TRP B 100 -5.94 16.04 4.07
N SER B 101 -5.28 16.48 2.99
CA SER B 101 -4.05 17.26 3.09
C SER B 101 -4.22 18.61 3.83
N THR B 102 -5.46 19.07 3.94
CA THR B 102 -5.78 20.33 4.63
C THR B 102 -6.41 20.12 6.02
N GLU B 103 -6.39 18.90 6.55
CA GLU B 103 -6.86 18.68 7.91
C GLU B 103 -5.83 19.12 8.94
N ASP B 104 -6.31 19.49 10.12
CA ASP B 104 -5.38 19.84 11.19
C ASP B 104 -4.97 18.59 11.96
N HIS B 105 -5.89 17.64 12.12
CA HIS B 105 -5.65 16.51 13.00
C HIS B 105 -6.19 15.21 12.41
N LEU B 106 -5.27 14.31 12.08
CA LEU B 106 -5.62 12.96 11.64
C LEU B 106 -5.28 11.95 12.71
N VAL B 107 -6.26 11.10 13.01
CA VAL B 107 -5.99 9.95 13.88
C VAL B 107 -6.27 8.66 13.10
N ILE B 108 -5.25 7.81 13.02
CA ILE B 108 -5.34 6.55 12.30
C ILE B 108 -5.35 5.37 13.25
N ALA B 109 -6.49 4.71 13.35
CA ALA B 109 -6.66 3.55 14.20
C ALA B 109 -6.40 2.28 13.43
N CYS B 110 -5.24 1.66 13.69
CA CYS B 110 -4.83 0.40 13.05
C CYS B 110 -5.26 -0.83 13.83
N GLY B 111 -6.13 -1.64 13.21
CA GLY B 111 -6.55 -2.88 13.80
C GLY B 111 -5.68 -4.06 13.42
N ARG B 112 -5.93 -5.21 14.04
CA ARG B 112 -5.25 -6.46 13.76
C ARG B 112 -6.32 -7.54 13.81
N TYR B 113 -5.90 -8.80 13.81
CA TYR B 113 -6.84 -9.92 13.86
C TYR B 113 -7.83 -9.78 12.72
N GLU B 114 -9.12 -9.96 12.98
CA GLU B 114 -10.14 -9.79 11.96
C GLU B 114 -10.69 -8.37 11.94
N GLY B 115 -10.05 -7.47 12.66
CA GLY B 115 -10.50 -6.09 12.70
C GLY B 115 -11.08 -5.60 14.02
N ILE B 116 -11.68 -4.42 13.97
CA ILE B 116 -12.18 -3.76 15.16
C ILE B 116 -13.69 -3.87 15.23
N ASP B 117 -14.19 -4.10 16.45
CA ASP B 117 -15.63 -4.05 16.72
C ASP B 117 -16.26 -2.82 16.06
N GLN B 118 -17.37 -2.99 15.35
CA GLN B 118 -17.98 -1.90 14.57
C GLN B 118 -18.40 -0.69 15.42
N ARG B 119 -18.74 -0.94 16.68
CA ARG B 119 -19.22 0.13 17.54
C ARG B 119 -18.16 1.20 17.81
N VAL B 120 -16.87 0.87 17.72
CA VAL B 120 -15.84 1.88 17.91
C VAL B 120 -16.01 2.99 16.89
N ALA B 121 -16.28 2.62 15.64
CA ALA B 121 -16.50 3.58 14.58
C ALA B 121 -17.84 4.29 14.72
N ASP B 122 -18.88 3.55 15.11
CA ASP B 122 -20.23 4.12 15.23
C ASP B 122 -20.32 5.12 16.38
N ASP B 123 -19.65 4.81 17.47
CA ASP B 123 -19.57 5.70 18.61
C ASP B 123 -18.80 6.97 18.25
N ALA B 124 -17.65 6.81 17.61
CA ALA B 124 -16.78 7.95 17.34
C ALA B 124 -17.45 8.91 16.39
N ALA B 125 -18.31 8.36 15.53
CA ALA B 125 -19.05 9.15 14.55
C ALA B 125 -20.13 10.04 15.19
N THR B 126 -20.41 9.86 16.47
CA THR B 126 -21.40 10.72 17.12
C THR B 126 -20.71 12.00 17.61
N ARG B 127 -19.38 11.99 17.61
CA ARG B 127 -18.59 13.07 18.18
C ARG B 127 -17.63 13.70 17.19
N MET B 128 -17.39 13.00 16.09
CA MET B 128 -16.34 13.43 15.16
C MET B 128 -16.53 12.77 13.80
N ARG B 129 -15.75 13.22 12.82
CA ARG B 129 -15.80 12.65 11.48
C ARG B 129 -14.98 11.36 11.39
N VAL B 130 -15.59 10.33 10.83
CA VAL B 130 -14.95 9.02 10.75
C VAL B 130 -14.94 8.55 9.31
N ARG B 131 -13.78 8.04 8.87
CA ARG B 131 -13.65 7.53 7.50
C ARG B 131 -13.07 6.13 7.48
N GLU B 132 -13.88 5.13 7.13
CA GLU B 132 -13.37 3.78 6.93
C GLU B 132 -12.83 3.69 5.50
N VAL B 133 -11.54 3.39 5.33
CA VAL B 133 -11.00 3.33 3.97
C VAL B 133 -10.10 2.12 3.67
N SER B 134 -10.04 1.77 2.40
CA SER B 134 -9.16 0.71 1.93
C SER B 134 -8.13 1.25 0.94
N ILE B 135 -6.87 0.86 1.09
CA ILE B 135 -5.84 1.28 0.12
C ILE B 135 -5.70 0.41 -1.13
N GLY B 136 -6.50 -0.65 -1.24
CA GLY B 136 -6.43 -1.48 -2.43
C GLY B 136 -7.10 -2.84 -2.31
N ASP B 137 -7.26 -3.53 -3.42
CA ASP B 137 -8.02 -4.77 -3.41
C ASP B 137 -7.13 -5.99 -3.21
N TYR B 138 -6.58 -6.07 -2.00
CA TYR B 138 -5.74 -7.15 -1.56
C TYR B 138 -5.91 -7.19 -0.06
N VAL B 139 -5.42 -8.24 0.58
CA VAL B 139 -5.66 -8.39 2.01
C VAL B 139 -4.34 -8.26 2.77
N LEU B 140 -4.33 -7.45 3.81
CA LEU B 140 -3.16 -7.34 4.66
C LEU B 140 -3.45 -8.00 6.00
N ASN B 141 -2.47 -8.04 6.88
CA ASN B 141 -2.66 -8.62 8.20
C ASN B 141 -3.19 -7.60 9.22
N GLY B 142 -3.07 -6.32 8.90
CA GLY B 142 -3.57 -5.27 9.79
C GLY B 142 -3.44 -3.90 9.16
N GLY B 143 -3.83 -2.85 9.90
CA GLY B 143 -3.88 -1.51 9.35
C GLY B 143 -2.54 -0.76 9.27
N GLU B 144 -1.47 -1.30 9.84
CA GLU B 144 -0.19 -0.59 9.91
C GLU B 144 0.43 -0.26 8.54
N ALA B 145 0.48 -1.24 7.64
CA ALA B 145 0.98 -0.98 6.29
C ALA B 145 0.11 0.06 5.58
N ALA B 146 -1.20 0.01 5.80
CA ALA B 146 -2.11 1.01 5.21
C ALA B 146 -1.81 2.41 5.75
N ALA B 147 -1.55 2.49 7.05
CA ALA B 147 -1.25 3.78 7.69
C ALA B 147 -0.02 4.43 7.05
N LEU B 148 1.02 3.64 6.80
CA LEU B 148 2.23 4.17 6.15
C LEU B 148 1.93 4.71 4.76
N VAL B 149 1.07 4.01 4.02
CA VAL B 149 0.73 4.42 2.65
C VAL B 149 -0.07 5.72 2.67
N ILE B 150 -1.02 5.77 3.59
CA ILE B 150 -1.91 6.92 3.73
C ILE B 150 -1.12 8.16 4.16
N ILE B 151 -0.29 7.98 5.18
CA ILE B 151 0.59 9.05 5.65
C ILE B 151 1.47 9.59 4.54
N GLU B 152 2.07 8.69 3.75
CA GLU B 152 2.96 9.13 2.68
C GLU B 152 2.21 9.89 1.58
N ALA B 153 1.10 9.33 1.11
CA ALA B 153 0.30 9.96 0.06
C ALA B 153 -0.25 11.33 0.48
N VAL B 154 -0.66 11.48 1.74
CA VAL B 154 -1.23 12.73 2.25
C VAL B 154 -0.16 13.79 2.54
N LEU B 155 0.91 13.41 3.23
CA LEU B 155 1.91 14.40 3.64
C LEU B 155 2.66 15.04 2.48
N ARG B 156 2.79 14.32 1.36
CA ARG B 156 3.48 14.94 0.24
C ARG B 156 2.63 16.01 -0.45
N LEU B 157 1.37 16.13 -0.03
CA LEU B 157 0.46 17.15 -0.54
C LEU B 157 0.24 18.34 0.43
N VAL B 158 0.72 18.23 1.66
CA VAL B 158 0.47 19.29 2.65
C VAL B 158 1.18 20.57 2.23
N PRO B 159 0.42 21.69 2.15
CA PRO B 159 0.92 22.99 1.70
C PRO B 159 2.20 23.39 2.45
N GLY B 160 3.29 23.51 1.70
CA GLY B 160 4.60 23.71 2.30
C GLY B 160 5.41 22.43 2.29
N VAL B 161 5.19 21.61 1.28
CA VAL B 161 5.94 20.36 1.10
C VAL B 161 5.85 19.87 -0.34
N ALA B 178 -3.99 14.03 -14.87
CA ALA B 178 -5.44 14.18 -14.91
C ALA B 178 -6.14 12.94 -14.37
N SER B 179 -6.08 11.89 -15.16
CA SER B 179 -6.61 10.58 -14.83
C SER B 179 -6.02 9.62 -15.85
N LEU B 180 -4.69 9.72 -16.01
CA LEU B 180 -3.95 8.95 -17.00
C LEU B 180 -2.64 8.44 -16.42
N LEU B 181 -2.10 7.38 -17.00
CA LEU B 181 -0.84 6.79 -16.53
C LEU B 181 0.35 7.41 -17.24
N GLU B 182 1.35 7.83 -16.47
CA GLU B 182 2.56 8.39 -17.05
C GLU B 182 3.27 7.37 -17.94
N GLY B 183 3.72 7.82 -19.11
CA GLY B 183 4.52 7.00 -20.00
C GLY B 183 5.96 6.88 -19.51
N PRO B 184 6.81 6.21 -20.30
CA PRO B 184 8.20 5.92 -19.92
C PRO B 184 9.09 7.15 -19.83
N SER B 185 10.09 7.07 -18.96
CA SER B 185 11.12 8.11 -18.80
CA SER B 185 11.11 8.11 -18.87
C SER B 185 12.49 7.51 -19.10
N TYR B 186 13.41 8.35 -19.56
CA TYR B 186 14.78 7.95 -19.89
C TYR B 186 15.77 9.00 -19.44
N THR B 187 17.00 8.57 -19.23
CA THR B 187 18.10 9.49 -18.94
C THR B 187 19.37 8.95 -19.57
N ARG B 188 20.51 9.56 -19.25
CA ARG B 188 21.76 9.23 -19.91
C ARG B 188 22.28 7.88 -19.45
N PRO B 189 22.97 7.12 -20.34
CA PRO B 189 23.37 7.47 -21.71
C PRO B 189 22.30 7.24 -22.78
N PRO B 190 22.44 7.93 -23.93
CA PRO B 190 21.41 7.87 -24.99
C PRO B 190 21.30 6.48 -25.63
N SER B 191 22.36 5.68 -25.50
CA SER B 191 22.32 4.29 -25.96
C SER B 191 22.91 3.41 -24.87
N TRP B 192 22.19 2.38 -24.45
CA TRP B 192 22.68 1.51 -23.35
C TRP B 192 22.33 0.04 -23.61
N ARG B 193 23.36 -0.79 -23.62
CA ARG B 193 23.26 -2.20 -24.00
C ARG B 193 22.63 -2.38 -25.39
N GLY B 194 22.89 -1.44 -26.29
CA GLY B 194 22.25 -1.47 -27.60
C GLY B 194 20.79 -1.01 -27.59
N MET B 195 20.35 -0.41 -26.49
CA MET B 195 18.99 0.14 -26.44
C MET B 195 19.03 1.65 -26.45
N ASP B 196 18.33 2.24 -27.41
CA ASP B 196 18.38 3.67 -27.63
C ASP B 196 17.20 4.37 -27.02
N VAL B 197 17.44 5.55 -26.46
CA VAL B 197 16.35 6.42 -26.07
C VAL B 197 15.55 6.77 -27.34
N PRO B 198 14.19 6.74 -27.29
CA PRO B 198 13.39 7.15 -28.47
C PRO B 198 13.87 8.49 -29.03
N PRO B 199 14.28 8.51 -30.32
CA PRO B 199 14.94 9.64 -30.97
C PRO B 199 14.22 10.97 -30.77
N VAL B 200 12.89 10.99 -30.77
CA VAL B 200 12.14 12.23 -30.53
C VAL B 200 12.54 12.93 -29.22
N LEU B 201 12.90 12.18 -28.19
CA LEU B 201 13.25 12.81 -26.91
C LEU B 201 14.59 13.54 -26.99
N LEU B 202 15.39 13.19 -27.98
CA LEU B 202 16.70 13.82 -28.20
C LEU B 202 16.55 14.97 -29.19
N SER B 203 15.41 15.02 -29.86
CA SER B 203 15.16 16.00 -30.91
C SER B 203 15.14 17.44 -30.40
N GLY B 204 14.85 17.62 -29.12
CA GLY B 204 14.73 18.95 -28.55
C GLY B 204 13.49 19.74 -28.97
N ASP B 205 12.59 19.13 -29.75
CA ASP B 205 11.36 19.82 -30.16
C ASP B 205 10.17 19.55 -29.22
N HIS B 206 9.85 20.55 -28.41
CA HIS B 206 8.87 20.41 -27.34
C HIS B 206 7.50 19.93 -27.80
N ALA B 207 7.00 20.47 -28.91
CA ALA B 207 5.69 20.05 -29.42
C ALA B 207 5.69 18.58 -29.85
N LYS B 208 6.73 18.13 -30.53
CA LYS B 208 6.82 16.72 -30.90
C LYS B 208 6.96 15.85 -29.63
N ILE B 209 7.71 16.34 -28.65
CA ILE B 209 7.91 15.60 -27.40
C ILE B 209 6.64 15.51 -26.57
N ALA B 210 5.90 16.61 -26.46
CA ALA B 210 4.62 16.60 -25.75
C ALA B 210 3.62 15.66 -26.43
N ALA B 211 3.65 15.60 -27.75
CA ALA B 211 2.72 14.75 -28.48
C ALA B 211 3.06 13.29 -28.27
N TRP B 212 4.36 12.99 -28.30
CA TRP B 212 4.83 11.63 -28.14
C TRP B 212 4.51 11.12 -26.73
N ARG B 213 4.70 11.97 -25.73
CA ARG B 213 4.42 11.58 -24.35
C ARG B 213 2.92 11.39 -24.12
N ALA B 214 2.11 12.24 -24.76
CA ALA B 214 0.66 12.11 -24.70
C ALA B 214 0.25 10.75 -25.23
N GLU B 215 0.76 10.40 -26.40
CA GLU B 215 0.48 9.09 -27.00
C GLU B 215 0.95 7.94 -26.12
N GLN B 216 2.15 8.09 -25.55
CA GLN B 216 2.68 7.06 -24.67
C GLN B 216 1.76 6.81 -23.48
N SER B 217 1.33 7.90 -22.84
CA SER B 217 0.47 7.82 -21.67
CA SER B 217 0.47 7.81 -21.67
C SER B 217 -0.86 7.12 -21.98
N ARG B 218 -1.49 7.54 -23.07
CA ARG B 218 -2.80 6.99 -23.39
C ARG B 218 -2.73 5.50 -23.76
N GLN B 219 -1.66 5.10 -24.45
CA GLN B 219 -1.47 3.70 -24.79
C GLN B 219 -1.15 2.84 -23.56
N ARG B 220 -0.41 3.41 -22.62
CA ARG B 220 -0.13 2.71 -21.39
C ARG B 220 -1.42 2.56 -20.58
N THR B 221 -2.17 3.66 -20.52
CA THR B 221 -3.42 3.64 -19.78
C THR B 221 -4.41 2.60 -20.32
N ILE B 222 -4.62 2.58 -21.63
CA ILE B 222 -5.54 1.61 -22.23
C ILE B 222 -5.04 0.16 -22.02
N GLU B 223 -3.72 -0.06 -22.04
CA GLU B 223 -3.19 -1.41 -21.82
C GLU B 223 -3.27 -1.87 -20.36
N ARG B 224 -2.91 -0.99 -19.44
CA ARG B 224 -2.74 -1.38 -18.05
C ARG B 224 -3.94 -1.05 -17.17
N ARG B 225 -4.63 0.05 -17.47
CA ARG B 225 -5.78 0.47 -16.68
C ARG B 225 -6.91 1.00 -17.56
N PRO B 226 -7.49 0.14 -18.41
CA PRO B 226 -8.57 0.59 -19.31
C PRO B 226 -9.74 1.20 -18.54
N ASP B 227 -9.94 0.77 -17.30
CA ASP B 227 -11.02 1.31 -16.47
C ASP B 227 -10.94 2.84 -16.29
N LEU B 228 -9.72 3.38 -16.27
CA LEU B 228 -9.56 4.83 -16.11
C LEU B 228 -10.13 5.61 -17.31
N LEU B 229 -10.19 4.95 -18.45
CA LEU B 229 -10.71 5.58 -19.66
C LEU B 229 -12.12 5.08 -19.95
N GLY B 230 -12.66 4.28 -19.04
CA GLY B 230 -14.06 3.91 -19.09
C GLY B 230 -14.36 2.62 -19.82
N PHE B 231 -13.39 1.72 -19.88
CA PHE B 231 -13.61 0.43 -20.52
C PHE B 231 -13.64 -0.67 -19.47
N ASP B 232 -13.95 -1.89 -19.88
CA ASP B 232 -13.96 -3.01 -18.95
C ASP B 232 -12.51 -3.45 -18.67
N SER B 233 -12.27 -4.03 -17.50
CA SER B 233 -10.94 -4.46 -17.11
C SER B 233 -10.53 -5.74 -17.83
#